data_6LOL
#
_entry.id   6LOL
#
_cell.length_a   106.640
_cell.length_b   122.250
_cell.length_c   149.970
_cell.angle_alpha   90.000
_cell.angle_beta   90.000
_cell.angle_gamma   90.000
#
_symmetry.space_group_name_H-M   'I 2 2 2'
#
_entity_poly.entity_id   1
_entity_poly.type   'polypeptide(L)'
_entity_poly.pdbx_seq_one_letter_code
;DPTYADYFSAWDKWEKQALPGEERDEAVSRLKECLINNSDELRLDRLNLSSLPDNLPAQITLLNVSYNQLTNLPELPVTL
KKLYSASNKLSELPVLPPALESLQVQHNELENLPALPDSLLTMNISYNEIVSLPSLPQALKNLRATRNFLTELPAFSEGN
NPVVREYFFDRNQISHIPESILNLRNECSIHISDNPLSSHALQALQRLTSSPDYHGPRIYFSMSDGQQNTLHRPLADAVT
AWFPENKQSDVSQIWHAFEHEEHANTFSAFLDRLSDTVSARNTSGFREQVAAWLEKLSASAELRQQSFAVAADATESCED
RVALTWNNLRKTLLVHQASEGLFDNDTGALLSLGREMFRLEILEDIARDKVRTLHFVDEIEVYLAFQTMLAEKLQLSTAV
KEMRFYGVSGVTANDLRTAEAMVRSREENEFTDWFSLWGPWHAVLKRTEADRWAQAEEQKYEMLENEYPQRVADRLKASG
LSGDADAEREAGAQVMRETEQQIYRQLTDEVLALRLSENGSQLHHS
;
_entity_poly.pdbx_strand_id   A
#
# COMPACT_ATOMS: atom_id res chain seq x y z
N ASP A 1 8.59 4.84 43.86
CA ASP A 1 9.14 3.88 44.83
C ASP A 1 8.50 4.05 46.20
N PRO A 2 7.22 3.68 46.32
CA PRO A 2 6.49 3.93 47.57
C PRO A 2 7.05 3.12 48.72
N THR A 3 6.64 3.50 49.92
CA THR A 3 6.98 2.77 51.14
C THR A 3 5.77 1.95 51.58
N TYR A 4 6.05 0.91 52.37
CA TYR A 4 5.05 -0.08 52.75
C TYR A 4 3.71 0.54 53.13
N ALA A 5 3.74 1.60 53.94
CA ALA A 5 2.50 2.22 54.39
C ALA A 5 1.77 2.92 53.24
N ASP A 6 2.51 3.52 52.32
CA ASP A 6 1.88 4.13 51.16
C ASP A 6 1.10 3.09 50.35
N TYR A 7 1.73 1.94 50.10
CA TYR A 7 1.05 0.83 49.44
C TYR A 7 -0.23 0.46 50.18
N PHE A 8 -0.13 0.23 51.49
CA PHE A 8 -1.26 -0.26 52.27
C PHE A 8 -2.43 0.71 52.25
N SER A 9 -2.16 1.99 52.51
CA SER A 9 -3.24 2.97 52.59
C SER A 9 -3.84 3.26 51.22
N ALA A 10 -3.01 3.26 50.18
CA ALA A 10 -3.54 3.43 48.82
C ALA A 10 -4.46 2.28 48.45
N TRP A 11 -4.13 1.07 48.88
CA TRP A 11 -4.99 -0.08 48.60
C TRP A 11 -6.25 -0.05 49.46
N ASP A 12 -6.14 0.45 50.69
CA ASP A 12 -7.32 0.54 51.56
C ASP A 12 -8.33 1.55 51.03
N LYS A 13 -7.86 2.70 50.57
CA LYS A 13 -8.75 3.67 49.91
C LYS A 13 -9.35 3.07 48.65
N TRP A 14 -8.51 2.39 47.84
CA TRP A 14 -9.00 1.78 46.61
C TRP A 14 -10.08 0.74 46.87
N GLU A 15 -10.04 0.08 48.03
CA GLU A 15 -11.03 -0.94 48.34
C GLU A 15 -12.40 -0.33 48.64
N LYS A 16 -12.44 0.79 49.36
CA LYS A 16 -13.72 1.39 49.74
C LYS A 16 -14.44 2.03 48.56
N GLN A 17 -13.76 2.19 47.42
CA GLN A 17 -14.40 2.65 46.19
C GLN A 17 -14.90 1.49 45.35
N ALA A 18 -15.25 0.37 45.99
CA ALA A 18 -15.66 -0.82 45.26
C ALA A 18 -17.05 -0.63 44.66
N LEU A 19 -17.16 -0.87 43.36
CA LEU A 19 -18.47 -1.07 42.79
C LEU A 19 -18.99 -2.44 43.22
N PRO A 20 -20.26 -2.55 43.60
CA PRO A 20 -20.80 -3.86 43.96
C PRO A 20 -20.83 -4.80 42.77
N GLY A 21 -20.50 -6.06 43.02
CA GLY A 21 -20.26 -7.02 41.96
C GLY A 21 -18.81 -7.36 41.71
N GLU A 22 -17.89 -6.85 42.53
CA GLU A 22 -16.48 -7.13 42.36
C GLU A 22 -15.83 -7.38 43.72
N GLU A 23 -14.77 -8.18 43.71
CA GLU A 23 -14.07 -8.60 44.92
C GLU A 23 -12.80 -7.80 45.13
N ARG A 24 -12.96 -6.50 45.39
CA ARG A 24 -11.79 -5.67 45.70
C ARG A 24 -11.17 -6.05 47.04
N ASP A 25 -11.98 -6.51 47.99
CA ASP A 25 -11.45 -6.94 49.28
C ASP A 25 -10.44 -8.08 49.11
N GLU A 26 -10.77 -9.07 48.27
CA GLU A 26 -9.86 -10.18 48.07
C GLU A 26 -8.57 -9.73 47.40
N ALA A 27 -8.66 -8.78 46.46
CA ALA A 27 -7.47 -8.31 45.76
C ALA A 27 -6.49 -7.66 46.72
N VAL A 28 -6.99 -6.87 47.68
CA VAL A 28 -6.11 -6.20 48.64
C VAL A 28 -5.34 -7.22 49.46
N SER A 29 -6.02 -8.27 49.92
CA SER A 29 -5.36 -9.32 50.68
C SER A 29 -4.28 -10.00 49.85
N ARG A 30 -4.54 -10.20 48.55
CA ARG A 30 -3.52 -10.74 47.66
C ARG A 30 -2.41 -9.72 47.41
N LEU A 31 -2.76 -8.44 47.37
CA LEU A 31 -1.73 -7.41 47.20
C LEU A 31 -0.86 -7.29 48.44
N LYS A 32 -1.48 -7.31 49.63
CA LYS A 32 -0.71 -7.24 50.86
C LYS A 32 0.18 -8.46 51.02
N GLU A 33 -0.40 -9.65 50.86
CA GLU A 33 0.40 -10.89 50.92
C GLU A 33 1.56 -10.85 49.95
N CYS A 34 1.34 -10.30 48.75
CA CYS A 34 2.42 -10.20 47.77
C CYS A 34 3.54 -9.31 48.27
N LEU A 35 3.19 -8.18 48.91
CA LEU A 35 4.21 -7.26 49.43
C LEU A 35 4.95 -7.87 50.60
N ILE A 36 4.22 -8.47 51.54
CA ILE A 36 4.80 -9.01 52.78
C ILE A 36 5.95 -9.95 52.50
N ASN A 37 5.90 -10.68 51.39
CA ASN A 37 6.94 -11.63 51.00
C ASN A 37 7.68 -11.11 49.77
N ASN A 38 8.64 -11.92 49.30
CA ASN A 38 9.43 -11.61 48.12
C ASN A 38 8.75 -12.12 46.84
N SER A 39 7.42 -12.21 46.85
CA SER A 39 6.69 -12.96 45.83
C SER A 39 6.87 -12.33 44.46
N ASP A 40 7.29 -13.16 43.49
CA ASP A 40 7.44 -12.75 42.11
C ASP A 40 6.12 -12.71 41.35
N GLU A 41 5.05 -13.29 41.90
CA GLU A 41 3.81 -13.48 41.18
C GLU A 41 2.65 -12.82 41.92
N LEU A 42 1.75 -12.21 41.15
CA LEU A 42 0.54 -11.59 41.69
C LEU A 42 -0.61 -11.90 40.76
N ARG A 43 -1.69 -12.48 41.31
CA ARG A 43 -2.82 -12.93 40.52
C ARG A 43 -4.09 -12.30 41.07
N LEU A 44 -4.69 -11.40 40.28
CA LEU A 44 -5.97 -10.78 40.60
C LEU A 44 -7.00 -11.11 39.53
N ASP A 45 -6.91 -12.30 38.96
CA ASP A 45 -7.80 -12.70 37.88
C ASP A 45 -9.14 -13.18 38.44
N ARG A 46 -10.20 -12.90 37.66
CA ARG A 46 -11.55 -13.40 37.92
C ARG A 46 -12.17 -12.79 39.18
N LEU A 47 -11.85 -11.53 39.48
CA LEU A 47 -12.49 -10.80 40.57
C LEU A 47 -13.38 -9.68 40.06
N ASN A 48 -13.58 -9.59 38.75
CA ASN A 48 -14.45 -8.59 38.12
C ASN A 48 -14.07 -7.18 38.54
N LEU A 49 -12.78 -6.93 38.76
CA LEU A 49 -12.32 -5.61 39.18
C LEU A 49 -12.62 -4.59 38.10
N SER A 50 -13.07 -3.41 38.53
CA SER A 50 -13.31 -2.30 37.62
C SER A 50 -12.07 -1.44 37.42
N SER A 51 -11.03 -1.64 38.23
CA SER A 51 -9.77 -0.93 38.09
C SER A 51 -8.75 -1.62 38.97
N LEU A 52 -7.49 -1.35 38.69
CA LEU A 52 -6.41 -1.69 39.60
C LEU A 52 -5.95 -0.45 40.34
N PRO A 53 -5.36 -0.60 41.52
CA PRO A 53 -4.76 0.56 42.18
C PRO A 53 -3.60 1.11 41.34
N ASP A 54 -3.27 2.38 41.59
CA ASP A 54 -2.23 3.03 40.81
C ASP A 54 -0.88 2.36 41.00
N ASN A 55 -0.58 1.92 42.22
CA ASN A 55 0.72 1.39 42.58
C ASN A 55 0.62 -0.10 42.88
N LEU A 56 1.23 -0.91 42.03
CA LEU A 56 1.37 -2.35 42.14
C LEU A 56 2.74 -2.70 42.72
N PRO A 57 2.87 -3.84 43.42
CA PRO A 57 4.18 -4.21 43.99
C PRO A 57 5.28 -4.21 42.94
N ALA A 58 6.32 -3.40 43.18
CA ALA A 58 7.29 -3.08 42.14
C ALA A 58 8.24 -4.22 41.80
N GLN A 59 8.24 -5.31 42.55
CA GLN A 59 9.23 -6.36 42.38
C GLN A 59 8.69 -7.59 41.64
N ILE A 60 7.40 -7.60 41.30
CA ILE A 60 6.77 -8.81 40.76
C ILE A 60 7.21 -9.05 39.33
N THR A 61 7.32 -10.33 38.97
CA THR A 61 7.68 -10.74 37.61
C THR A 61 6.50 -11.33 36.84
N LEU A 62 5.41 -11.68 37.51
CA LEU A 62 4.22 -12.20 36.85
C LEU A 62 3.00 -11.46 37.39
N LEU A 63 2.20 -10.91 36.48
CA LEU A 63 0.94 -10.27 36.82
C LEU A 63 -0.17 -10.88 35.98
N ASN A 64 -1.17 -11.45 36.64
CA ASN A 64 -2.35 -11.97 35.97
C ASN A 64 -3.56 -11.19 36.44
N VAL A 65 -4.14 -10.40 35.53
CA VAL A 65 -5.34 -9.65 35.83
C VAL A 65 -6.40 -9.99 34.79
N SER A 66 -6.34 -11.21 34.25
CA SER A 66 -7.32 -11.64 33.27
C SER A 66 -8.69 -11.77 33.89
N TYR A 67 -9.72 -11.71 33.05
CA TYR A 67 -11.11 -11.96 33.45
C TYR A 67 -11.58 -10.95 34.51
N ASN A 68 -11.34 -9.68 34.24
CA ASN A 68 -11.84 -8.58 35.06
C ASN A 68 -12.58 -7.60 34.17
N GLN A 69 -12.92 -6.42 34.70
CA GLN A 69 -13.59 -5.39 33.92
C GLN A 69 -12.68 -4.18 33.71
N LEU A 70 -11.37 -4.41 33.60
CA LEU A 70 -10.42 -3.32 33.49
C LEU A 70 -10.55 -2.61 32.16
N THR A 71 -10.55 -1.27 32.22
CA THR A 71 -10.38 -0.44 31.03
C THR A 71 -8.96 0.08 30.88
N ASN A 72 -8.15 0.01 31.94
CA ASN A 72 -6.81 0.55 31.92
C ASN A 72 -5.92 -0.29 32.82
N LEU A 73 -4.68 -0.35 32.48
CA LEU A 73 -3.71 -0.87 33.43
C LEU A 73 -2.89 0.27 34.00
N PRO A 74 -2.44 0.17 35.25
CA PRO A 74 -1.53 1.19 35.77
C PRO A 74 -0.15 1.03 35.14
N GLU A 75 0.80 1.87 35.52
CA GLU A 75 2.16 1.66 35.05
C GLU A 75 2.71 0.36 35.64
N LEU A 76 3.08 -0.56 34.75
CA LEU A 76 3.47 -1.90 35.19
C LEU A 76 4.89 -1.90 35.76
N PRO A 77 5.15 -2.78 36.73
CA PRO A 77 6.51 -2.88 37.28
C PRO A 77 7.54 -3.14 36.19
N VAL A 78 8.72 -2.54 36.36
CA VAL A 78 9.74 -2.63 35.33
C VAL A 78 10.33 -4.04 35.24
N THR A 79 10.27 -4.79 36.33
CA THR A 79 10.80 -6.16 36.37
C THR A 79 9.83 -7.20 35.84
N LEU A 80 8.76 -6.77 35.17
CA LEU A 80 7.71 -7.68 34.76
C LEU A 80 8.15 -8.55 33.59
N LYS A 81 7.95 -9.85 33.71
CA LYS A 81 8.29 -10.80 32.66
C LYS A 81 7.09 -11.33 31.90
N LYS A 82 5.95 -11.52 32.58
CA LYS A 82 4.76 -12.09 31.97
C LYS A 82 3.55 -11.32 32.46
N LEU A 83 2.79 -10.74 31.52
CA LEU A 83 1.58 -9.99 31.85
C LEU A 83 0.40 -10.66 31.18
N TYR A 84 -0.44 -11.33 31.98
CA TYR A 84 -1.69 -11.89 31.51
C TYR A 84 -2.82 -10.92 31.85
N SER A 85 -3.45 -10.35 30.82
CA SER A 85 -4.59 -9.47 31.03
C SER A 85 -5.70 -9.75 30.02
N ALA A 86 -5.98 -11.03 29.77
CA ALA A 86 -6.99 -11.38 28.77
C ALA A 86 -8.39 -11.15 29.32
N SER A 87 -9.34 -10.95 28.39
CA SER A 87 -10.76 -10.86 28.71
C SER A 87 -11.05 -9.71 29.68
N ASN A 88 -10.72 -8.49 29.23
CA ASN A 88 -11.04 -7.26 29.93
C ASN A 88 -11.70 -6.34 28.91
N LYS A 89 -11.83 -5.07 29.25
CA LYS A 89 -12.30 -4.04 28.32
C LYS A 89 -11.22 -2.99 28.08
N LEU A 90 -9.98 -3.44 27.91
CA LEU A 90 -8.86 -2.52 27.77
C LEU A 90 -8.95 -1.76 26.44
N SER A 91 -8.75 -0.45 26.51
CA SER A 91 -8.69 0.36 25.31
C SER A 91 -7.24 0.62 24.88
N GLU A 92 -6.34 0.79 25.84
CA GLU A 92 -4.94 1.03 25.56
C GLU A 92 -4.08 0.23 26.53
N LEU A 93 -2.84 -0.05 26.10
CA LEU A 93 -1.85 -0.61 26.99
C LEU A 93 -0.88 0.47 27.44
N PRO A 94 -0.35 0.37 28.66
CA PRO A 94 0.75 1.28 29.05
C PRO A 94 2.03 0.88 28.34
N VAL A 95 3.12 1.62 28.57
CA VAL A 95 4.40 1.22 28.01
C VAL A 95 4.83 -0.09 28.67
N LEU A 96 5.38 -0.99 27.87
CA LEU A 96 5.66 -2.34 28.36
C LEU A 96 7.04 -2.39 29.00
N PRO A 97 7.16 -2.96 30.19
CA PRO A 97 8.47 -3.11 30.84
C PRO A 97 9.46 -3.79 29.91
N PRO A 98 10.74 -3.39 29.95
CA PRO A 98 11.68 -3.81 28.90
C PRO A 98 12.00 -5.29 28.89
N ALA A 99 11.80 -6.01 29.98
CA ALA A 99 12.18 -7.41 30.07
C ALA A 99 11.02 -8.37 29.77
N LEU A 100 9.91 -7.86 29.23
CA LEU A 100 8.72 -8.66 29.04
C LEU A 100 8.96 -9.81 28.07
N GLU A 101 8.55 -11.02 28.47
CA GLU A 101 8.66 -12.20 27.63
C GLU A 101 7.32 -12.70 27.10
N SER A 102 6.21 -12.40 27.77
CA SER A 102 4.90 -12.89 27.36
C SER A 102 3.85 -11.81 27.58
N LEU A 103 2.93 -11.71 26.63
CA LEU A 103 1.89 -10.68 26.66
C LEU A 103 0.59 -11.29 26.14
N GLN A 104 -0.35 -11.55 27.04
CA GLN A 104 -1.66 -12.12 26.73
C GLN A 104 -2.73 -11.08 27.07
N VAL A 105 -3.19 -10.34 26.06
CA VAL A 105 -4.29 -9.38 26.20
C VAL A 105 -5.38 -9.62 25.17
N GLN A 106 -5.54 -10.86 24.74
CA GLN A 106 -6.65 -11.21 23.86
C GLN A 106 -7.98 -10.90 24.54
N HIS A 107 -9.01 -10.67 23.71
CA HIS A 107 -10.36 -10.35 24.17
C HIS A 107 -10.40 -9.04 24.96
N ASN A 108 -9.90 -7.99 24.31
CA ASN A 108 -10.00 -6.63 24.82
C ASN A 108 -10.55 -5.75 23.70
N GLU A 109 -10.50 -4.44 23.90
CA GLU A 109 -10.97 -3.47 22.91
C GLU A 109 -9.83 -2.60 22.41
N LEU A 110 -8.69 -3.24 22.11
CA LEU A 110 -7.48 -2.51 21.75
C LEU A 110 -7.51 -2.07 20.29
N GLU A 111 -7.08 -0.84 20.06
CA GLU A 111 -6.87 -0.33 18.70
C GLU A 111 -5.40 -0.28 18.31
N ASN A 112 -4.49 -0.23 19.27
CA ASN A 112 -3.07 -0.03 18.97
C ASN A 112 -2.24 -0.70 20.06
N LEU A 113 -1.00 -1.02 19.70
CA LEU A 113 -0.04 -1.58 20.63
C LEU A 113 1.09 -0.59 20.89
N PRO A 114 1.65 -0.60 22.09
CA PRO A 114 2.88 0.18 22.34
C PRO A 114 4.09 -0.54 21.75
N ALA A 115 5.29 -0.01 21.97
CA ALA A 115 6.49 -0.64 21.45
C ALA A 115 6.72 -1.98 22.13
N LEU A 116 6.89 -3.03 21.33
CA LEU A 116 7.20 -4.35 21.88
C LEU A 116 8.69 -4.44 22.20
N PRO A 117 9.07 -4.77 23.43
CA PRO A 117 10.49 -4.98 23.74
C PRO A 117 11.09 -6.10 22.92
N ASP A 118 12.43 -6.18 22.97
CA ASP A 118 13.15 -7.21 22.22
C ASP A 118 13.04 -8.58 22.86
N SER A 119 12.72 -8.66 24.15
CA SER A 119 12.67 -9.92 24.87
C SER A 119 11.36 -10.67 24.66
N LEU A 120 10.42 -10.11 23.92
CA LEU A 120 9.10 -10.71 23.77
C LEU A 120 9.18 -11.99 22.97
N LEU A 121 8.82 -13.11 23.59
CA LEU A 121 8.85 -14.41 22.92
C LEU A 121 7.48 -14.83 22.38
N THR A 122 6.41 -14.49 23.10
CA THR A 122 5.07 -14.91 22.70
C THR A 122 4.08 -13.77 22.99
N MET A 123 3.07 -13.66 22.13
CA MET A 123 2.12 -12.56 22.19
C MET A 123 0.76 -13.04 21.70
N ASN A 124 -0.28 -12.73 22.47
CA ASN A 124 -1.66 -13.01 22.06
C ASN A 124 -2.44 -11.69 22.08
N ILE A 125 -2.82 -11.23 20.89
CA ILE A 125 -3.59 -9.99 20.73
C ILE A 125 -4.90 -10.25 19.99
N SER A 126 -5.33 -11.52 19.96
CA SER A 126 -6.51 -11.89 19.18
C SER A 126 -7.77 -11.27 19.76
N TYR A 127 -8.76 -11.08 18.89
CA TYR A 127 -10.10 -10.61 19.27
C TYR A 127 -10.04 -9.21 19.88
N ASN A 128 -9.29 -8.33 19.22
CA ASN A 128 -9.25 -6.91 19.47
C ASN A 128 -9.67 -6.19 18.18
N GLU A 129 -9.50 -4.86 18.16
CA GLU A 129 -9.75 -4.07 16.97
C GLU A 129 -8.46 -3.38 16.49
N ILE A 130 -7.34 -4.10 16.53
CA ILE A 130 -6.06 -3.52 16.17
C ILE A 130 -5.97 -3.33 14.67
N VAL A 131 -5.42 -2.19 14.25
CA VAL A 131 -5.33 -1.85 12.84
C VAL A 131 -3.94 -2.03 12.25
N SER A 132 -2.88 -1.93 13.06
CA SER A 132 -1.54 -2.27 12.61
C SER A 132 -0.64 -2.43 13.83
N LEU A 133 0.51 -3.09 13.60
CA LEU A 133 1.41 -3.48 14.67
C LEU A 133 2.69 -2.67 14.63
N PRO A 134 3.37 -2.52 15.77
CA PRO A 134 4.76 -2.05 15.74
C PRO A 134 5.66 -3.12 15.15
N SER A 135 6.93 -2.77 14.96
CA SER A 135 7.89 -3.73 14.46
C SER A 135 8.10 -4.83 15.50
N LEU A 136 8.06 -6.08 15.05
CA LEU A 136 8.07 -7.19 15.99
C LEU A 136 9.51 -7.62 16.30
N PRO A 137 9.79 -7.93 17.56
CA PRO A 137 11.12 -8.44 17.91
C PRO A 137 11.40 -9.76 17.21
N GLN A 138 12.69 -10.03 16.99
CA GLN A 138 13.06 -11.28 16.34
C GLN A 138 12.88 -12.48 17.27
N ALA A 139 13.06 -12.28 18.58
CA ALA A 139 12.83 -13.35 19.54
C ALA A 139 11.39 -13.83 19.58
N LEU A 140 10.47 -13.09 18.95
CA LEU A 140 9.05 -13.44 18.96
C LEU A 140 8.82 -14.67 18.08
N LYS A 141 8.57 -15.81 18.72
CA LYS A 141 8.35 -17.05 17.98
C LYS A 141 6.89 -17.46 17.89
N ASN A 142 6.01 -16.93 18.74
CA ASN A 142 4.58 -17.26 18.71
C ASN A 142 3.78 -15.98 18.79
N LEU A 143 2.96 -15.71 17.78
CA LEU A 143 2.09 -14.55 17.76
C LEU A 143 0.74 -14.93 17.21
N ARG A 144 -0.31 -14.69 18.01
CA ARG A 144 -1.70 -14.95 17.63
C ARG A 144 -2.43 -13.63 17.53
N ALA A 145 -3.01 -13.35 16.34
CA ALA A 145 -3.69 -12.09 16.09
C ALA A 145 -5.03 -12.31 15.42
N THR A 146 -5.72 -13.40 15.77
CA THR A 146 -6.98 -13.74 15.14
C THR A 146 -8.04 -12.67 15.40
N ARG A 147 -8.80 -12.35 14.35
CA ARG A 147 -9.93 -11.42 14.41
C ARG A 147 -9.50 -10.05 14.94
N ASN A 148 -8.68 -9.39 14.13
CA ASN A 148 -8.38 -7.99 14.31
C ASN A 148 -8.69 -7.25 13.01
N PHE A 149 -8.30 -5.98 12.90
CA PHE A 149 -8.53 -5.20 11.69
C PHE A 149 -7.23 -4.94 10.94
N LEU A 150 -6.32 -5.90 10.93
CA LEU A 150 -5.04 -5.72 10.27
C LEU A 150 -5.22 -5.59 8.77
N THR A 151 -4.44 -4.70 8.17
CA THR A 151 -4.42 -4.57 6.71
C THR A 151 -3.19 -5.21 6.08
N GLU A 152 -2.14 -5.44 6.85
CA GLU A 152 -0.86 -5.87 6.29
C GLU A 152 -0.25 -7.01 7.10
N LEU A 153 0.11 -8.07 6.40
CA LEU A 153 1.02 -9.08 6.95
C LEU A 153 2.36 -8.44 7.27
N PRO A 154 2.97 -8.76 8.41
CA PRO A 154 4.30 -8.21 8.70
C PRO A 154 5.40 -9.01 8.01
N ALA A 155 6.43 -8.28 7.55
CA ALA A 155 7.53 -8.89 6.83
C ALA A 155 8.47 -9.57 7.83
N PHE A 156 8.46 -10.90 7.84
CA PHE A 156 9.31 -11.64 8.75
C PHE A 156 10.73 -11.75 8.20
N SER A 157 11.68 -11.90 9.11
CA SER A 157 13.07 -12.17 8.77
C SER A 157 13.42 -13.59 9.18
N GLU A 158 14.04 -14.34 8.27
CA GLU A 158 14.56 -15.64 8.63
C GLU A 158 15.66 -15.47 9.68
N GLY A 159 15.41 -15.96 10.89
CA GLY A 159 16.47 -16.01 11.88
C GLY A 159 17.63 -16.86 11.39
N ASN A 160 18.81 -16.62 11.97
CA ASN A 160 19.99 -17.34 11.49
C ASN A 160 19.90 -18.82 11.82
N ASN A 161 19.33 -19.17 12.97
CA ASN A 161 19.09 -20.59 13.21
C ASN A 161 17.59 -20.88 13.17
N PRO A 162 17.21 -22.08 12.74
CA PRO A 162 15.78 -22.39 12.54
C PRO A 162 15.13 -22.84 13.85
N VAL A 163 14.11 -22.09 14.27
CA VAL A 163 13.28 -22.46 15.41
C VAL A 163 11.83 -22.43 14.95
N VAL A 164 11.00 -23.22 15.62
CA VAL A 164 9.58 -23.28 15.24
C VAL A 164 8.92 -21.95 15.58
N ARG A 165 8.22 -21.39 14.59
CA ARG A 165 7.46 -20.16 14.77
C ARG A 165 6.09 -20.31 14.13
N GLU A 166 5.08 -19.77 14.80
CA GLU A 166 3.70 -19.89 14.34
C GLU A 166 3.02 -18.54 14.43
N TYR A 167 2.38 -18.12 13.33
CA TYR A 167 1.74 -16.82 13.25
C TYR A 167 0.31 -17.00 12.77
N PHE A 168 -0.65 -16.66 13.64
CA PHE A 168 -2.07 -16.74 13.31
C PHE A 168 -2.55 -15.32 12.97
N PHE A 169 -2.83 -15.09 11.69
CA PHE A 169 -3.38 -13.83 11.22
C PHE A 169 -4.73 -14.02 10.55
N ASP A 170 -5.38 -15.16 10.80
CA ASP A 170 -6.67 -15.44 10.19
C ASP A 170 -7.73 -14.46 10.67
N ARG A 171 -8.78 -14.33 9.86
CA ARG A 171 -9.95 -13.51 10.20
C ARG A 171 -9.58 -12.06 10.44
N ASN A 172 -8.69 -11.54 9.59
CA ASN A 172 -8.27 -10.15 9.57
C ASN A 172 -8.71 -9.52 8.26
N GLN A 173 -8.25 -8.29 8.02
CA GLN A 173 -8.53 -7.59 6.77
C GLN A 173 -7.28 -7.51 5.87
N ILE A 174 -6.37 -8.47 6.03
CA ILE A 174 -5.14 -8.47 5.24
C ILE A 174 -5.49 -8.61 3.76
N SER A 175 -4.91 -7.75 2.93
CA SER A 175 -5.16 -7.78 1.50
C SER A 175 -3.91 -8.04 0.66
N HIS A 176 -2.73 -8.00 1.25
CA HIS A 176 -1.49 -8.06 0.47
C HIS A 176 -0.45 -8.88 1.21
N ILE A 177 0.02 -9.94 0.57
CA ILE A 177 1.10 -10.76 1.11
C ILE A 177 2.45 -10.12 0.70
N PRO A 178 3.34 -9.88 1.65
CA PRO A 178 4.67 -9.39 1.26
C PRO A 178 5.50 -10.54 0.69
N GLU A 179 6.26 -10.23 -0.36
CA GLU A 179 7.12 -11.23 -0.99
C GLU A 179 8.07 -11.90 0.02
N SER A 180 8.30 -11.27 1.17
CA SER A 180 9.30 -11.74 2.11
C SER A 180 9.00 -13.11 2.72
N ILE A 181 7.72 -13.51 2.75
CA ILE A 181 7.37 -14.74 3.47
C ILE A 181 8.00 -15.98 2.85
N LEU A 182 8.40 -15.91 1.59
CA LEU A 182 9.03 -17.07 0.95
C LEU A 182 10.48 -17.28 1.40
N ASN A 183 11.09 -16.27 2.05
CA ASN A 183 12.40 -16.49 2.67
C ASN A 183 12.34 -17.56 3.74
N LEU A 184 11.28 -17.53 4.55
CA LEU A 184 11.23 -18.30 5.79
C LEU A 184 11.30 -19.80 5.52
N ARG A 185 11.91 -20.51 6.47
CA ARG A 185 12.08 -21.95 6.36
C ARG A 185 10.75 -22.66 6.62
N ASN A 186 10.75 -23.98 6.49
CA ASN A 186 9.55 -24.76 6.68
C ASN A 186 9.16 -24.88 8.15
N GLU A 187 10.06 -24.55 9.08
CA GLU A 187 9.75 -24.61 10.50
C GLU A 187 8.76 -23.54 10.95
N CYS A 188 8.35 -22.64 10.06
CA CYS A 188 7.46 -21.55 10.39
C CYS A 188 6.11 -21.73 9.70
N SER A 189 5.03 -21.39 10.40
CA SER A 189 3.69 -21.59 9.89
C SER A 189 2.92 -20.26 9.89
N ILE A 190 2.25 -19.96 8.79
CA ILE A 190 1.46 -18.74 8.64
C ILE A 190 0.01 -19.13 8.34
N HIS A 191 -0.92 -18.54 9.10
CA HIS A 191 -2.35 -18.80 8.94
C HIS A 191 -3.02 -17.50 8.48
N ILE A 192 -3.55 -17.48 7.25
CA ILE A 192 -4.13 -16.26 6.69
C ILE A 192 -5.48 -16.52 6.05
N SER A 193 -6.13 -17.63 6.41
CA SER A 193 -7.48 -17.89 5.96
C SER A 193 -8.45 -16.84 6.49
N ASP A 194 -9.52 -16.61 5.73
CA ASP A 194 -10.52 -15.57 6.05
C ASP A 194 -9.87 -14.18 6.07
N ASN A 195 -9.21 -13.85 4.97
CA ASN A 195 -8.62 -12.55 4.73
C ASN A 195 -8.96 -12.10 3.31
N PRO A 196 -9.29 -10.81 3.13
CA PRO A 196 -9.63 -10.34 1.78
C PRO A 196 -8.42 -10.27 0.87
N LEU A 197 -7.89 -11.42 0.48
CA LEU A 197 -6.71 -11.49 -0.37
C LEU A 197 -7.12 -11.52 -1.83
N SER A 198 -6.29 -10.90 -2.67
CA SER A 198 -6.52 -10.94 -4.10
C SER A 198 -6.49 -12.37 -4.62
N SER A 199 -7.29 -12.64 -5.66
CA SER A 199 -7.25 -13.94 -6.30
C SER A 199 -5.93 -14.19 -7.00
N HIS A 200 -5.18 -13.13 -7.31
CA HIS A 200 -3.85 -13.29 -7.88
C HIS A 200 -2.88 -13.85 -6.84
N ALA A 201 -2.82 -13.21 -5.66
CA ALA A 201 -1.99 -13.74 -4.58
C ALA A 201 -2.48 -15.11 -4.13
N LEU A 202 -3.78 -15.37 -4.25
CA LEU A 202 -4.32 -16.69 -3.96
C LEU A 202 -3.77 -17.73 -4.93
N GLN A 203 -3.86 -17.45 -6.23
CA GLN A 203 -3.38 -18.39 -7.24
C GLN A 203 -1.87 -18.53 -7.17
N ALA A 204 -1.15 -17.47 -6.78
CA ALA A 204 0.28 -17.59 -6.56
C ALA A 204 0.58 -18.50 -5.38
N LEU A 205 -0.10 -18.27 -4.24
CA LEU A 205 0.07 -19.15 -3.08
C LEU A 205 -0.25 -20.59 -3.44
N GLN A 206 -1.32 -20.81 -4.21
CA GLN A 206 -1.65 -22.14 -4.71
C GLN A 206 -0.47 -22.73 -5.50
N ARG A 207 -0.02 -22.02 -6.53
CA ARG A 207 0.99 -22.56 -7.44
C ARG A 207 2.27 -22.93 -6.70
N LEU A 208 2.78 -22.03 -5.86
CA LEU A 208 4.09 -22.26 -5.25
C LEU A 208 4.03 -23.35 -4.18
N THR A 209 3.06 -23.28 -3.27
CA THR A 209 2.98 -24.28 -2.21
C THR A 209 2.41 -25.62 -2.69
N SER A 210 1.75 -25.66 -3.84
CA SER A 210 1.28 -26.91 -4.41
C SER A 210 2.24 -27.45 -5.45
N SER A 211 3.53 -27.21 -5.26
CA SER A 211 4.54 -27.79 -6.10
C SER A 211 5.44 -28.68 -5.27
N PRO A 212 5.81 -29.85 -5.76
CA PRO A 212 7.05 -30.46 -5.30
C PRO A 212 8.16 -29.47 -5.57
N ASP A 213 9.27 -29.59 -4.84
CA ASP A 213 10.36 -28.61 -4.94
C ASP A 213 9.96 -27.28 -4.28
N TYR A 214 9.16 -27.35 -3.21
CA TYR A 214 8.83 -26.18 -2.41
C TYR A 214 9.36 -26.41 -1.01
N HIS A 215 10.28 -25.55 -0.55
CA HIS A 215 10.89 -25.66 0.77
C HIS A 215 10.63 -24.42 1.64
N GLY A 216 9.61 -23.64 1.31
CA GLY A 216 9.28 -22.45 2.07
C GLY A 216 8.44 -22.74 3.30
N PRO A 217 7.80 -21.73 3.85
CA PRO A 217 6.99 -21.93 5.06
C PRO A 217 5.64 -22.52 4.73
N ARG A 218 5.04 -23.15 5.74
CA ARG A 218 3.72 -23.72 5.61
C ARG A 218 2.69 -22.60 5.76
N ILE A 219 2.05 -22.24 4.66
CA ILE A 219 1.11 -21.12 4.61
C ILE A 219 -0.28 -21.70 4.45
N TYR A 220 -1.12 -21.51 5.46
CA TYR A 220 -2.49 -21.98 5.43
C TYR A 220 -3.41 -20.86 4.96
N PHE A 221 -4.19 -21.15 3.93
CA PHE A 221 -5.03 -20.15 3.30
C PHE A 221 -6.28 -20.83 2.76
N SER A 222 -7.22 -20.01 2.30
CA SER A 222 -8.43 -20.50 1.65
C SER A 222 -8.66 -19.66 0.40
N MET A 223 -8.63 -20.31 -0.78
CA MET A 223 -8.94 -19.59 -2.01
C MET A 223 -10.40 -19.20 -2.12
N SER A 224 -11.26 -19.71 -1.23
CA SER A 224 -12.66 -19.31 -1.17
C SER A 224 -12.81 -17.81 -0.94
N ASP A 225 -11.74 -17.16 -0.49
CA ASP A 225 -11.71 -15.71 -0.32
C ASP A 225 -11.30 -15.03 -1.62
N ALA A 236 -22.08 -4.14 -14.25
CA ALA A 236 -21.92 -3.74 -15.64
C ALA A 236 -21.77 -2.23 -15.76
N ASP A 237 -22.83 -1.51 -15.39
CA ASP A 237 -22.86 -0.05 -15.48
C ASP A 237 -22.95 0.62 -14.13
N ALA A 238 -23.70 0.05 -13.18
CA ALA A 238 -23.70 0.54 -11.81
C ALA A 238 -22.44 0.07 -11.09
N VAL A 239 -21.30 0.41 -11.67
CA VAL A 239 -19.99 -0.06 -11.18
C VAL A 239 -19.07 1.12 -10.93
N THR A 240 -19.25 2.20 -11.68
CA THR A 240 -18.26 3.29 -11.68
C THR A 240 -18.47 4.25 -10.52
N ALA A 241 -19.66 4.83 -10.42
CA ALA A 241 -19.93 5.83 -9.40
C ALA A 241 -20.08 5.22 -8.00
N TRP A 242 -19.76 3.95 -7.74
CA TRP A 242 -20.08 3.40 -6.42
C TRP A 242 -19.14 3.91 -5.34
N PHE A 243 -17.87 3.51 -5.41
CA PHE A 243 -16.85 3.85 -4.42
C PHE A 243 -16.28 5.27 -4.45
N PRO A 244 -16.41 6.05 -5.55
CA PRO A 244 -16.13 7.49 -5.40
C PRO A 244 -16.70 8.12 -4.13
N VAL A 251 -22.43 7.86 -6.38
CA VAL A 251 -23.50 7.96 -5.39
C VAL A 251 -24.77 8.55 -6.01
N SER A 252 -24.64 9.64 -6.76
CA SER A 252 -25.78 10.33 -7.35
C SER A 252 -25.86 10.15 -8.86
N GLN A 253 -24.75 10.33 -9.57
CA GLN A 253 -24.74 10.30 -11.02
C GLN A 253 -24.69 8.89 -11.60
N ILE A 254 -25.00 7.87 -10.79
CA ILE A 254 -25.12 6.52 -11.33
C ILE A 254 -26.25 6.46 -12.35
N TRP A 255 -27.29 7.28 -12.16
CA TRP A 255 -28.33 7.42 -13.17
C TRP A 255 -27.90 8.36 -14.29
N HIS A 256 -27.14 9.40 -13.95
CA HIS A 256 -26.66 10.34 -14.97
C HIS A 256 -25.73 9.65 -15.97
N ALA A 257 -24.86 8.75 -15.48
CA ALA A 257 -23.95 8.04 -16.36
C ALA A 257 -24.64 6.90 -17.10
N PHE A 258 -25.80 6.45 -16.62
CA PHE A 258 -26.54 5.41 -17.34
C PHE A 258 -26.99 5.88 -18.71
N GLU A 259 -27.19 7.18 -18.88
CA GLU A 259 -27.47 7.72 -20.21
C GLU A 259 -26.32 7.43 -21.17
N HIS A 260 -25.08 7.49 -20.66
CA HIS A 260 -23.93 7.09 -21.46
C HIS A 260 -23.73 5.58 -21.50
N GLU A 261 -24.29 4.85 -20.54
CA GLU A 261 -24.16 3.39 -20.54
C GLU A 261 -24.78 2.77 -21.78
N GLU A 262 -25.84 3.38 -22.32
CA GLU A 262 -26.46 2.92 -23.56
C GLU A 262 -25.63 3.46 -24.72
N HIS A 263 -24.47 2.83 -24.93
CA HIS A 263 -23.51 3.23 -25.95
C HIS A 263 -22.52 2.09 -26.13
N ALA A 264 -21.42 2.36 -26.84
CA ALA A 264 -20.49 1.34 -27.28
C ALA A 264 -19.30 1.25 -26.33
N ASN A 265 -18.78 0.04 -26.18
CA ASN A 265 -17.58 -0.18 -25.39
C ASN A 265 -17.79 0.35 -23.96
N THR A 266 -18.70 -0.32 -23.26
CA THR A 266 -18.93 -0.08 -21.84
C THR A 266 -18.84 -1.33 -20.98
N PHE A 267 -18.88 -2.52 -21.57
CA PHE A 267 -18.80 -3.77 -20.82
C PHE A 267 -17.37 -4.03 -20.35
N SER A 268 -16.40 -3.92 -21.25
CA SER A 268 -15.00 -4.06 -20.88
C SER A 268 -14.30 -2.72 -20.67
N ALA A 269 -14.99 -1.60 -20.90
CA ALA A 269 -14.42 -0.29 -20.62
C ALA A 269 -14.90 0.31 -19.30
N PHE A 270 -15.95 -0.25 -18.70
CA PHE A 270 -16.42 0.19 -17.39
C PHE A 270 -16.23 -0.86 -16.31
N LEU A 271 -16.52 -2.13 -16.60
CA LEU A 271 -16.23 -3.19 -15.63
C LEU A 271 -14.74 -3.27 -15.34
N ASP A 272 -13.90 -2.88 -16.29
CA ASP A 272 -12.46 -2.82 -16.06
C ASP A 272 -12.09 -1.51 -15.37
N ARG A 273 -12.77 -1.20 -14.27
CA ARG A 273 -12.50 -0.01 -13.47
C ARG A 273 -11.96 -0.38 -12.10
N LEU A 274 -11.12 -1.41 -12.05
CA LEU A 274 -10.56 -1.90 -10.80
C LEU A 274 -9.56 -0.89 -10.24
N GLY A 285 -6.29 10.63 -1.73
CA GLY A 285 -5.16 10.24 -2.57
C GLY A 285 -5.57 9.78 -3.95
N PHE A 286 -5.28 8.52 -4.26
CA PHE A 286 -5.68 7.96 -5.55
C PHE A 286 -7.20 7.95 -5.70
N ARG A 287 -7.89 7.36 -4.71
CA ARG A 287 -9.35 7.30 -4.76
C ARG A 287 -9.97 8.70 -4.77
N GLU A 288 -9.26 9.70 -4.26
CA GLU A 288 -9.79 11.06 -4.19
C GLU A 288 -10.12 11.59 -5.57
N GLN A 289 -9.10 11.67 -6.43
CA GLN A 289 -9.19 12.26 -7.78
C GLN A 289 -9.25 11.26 -8.92
N VAL A 290 -9.36 9.97 -8.66
CA VAL A 290 -10.00 9.14 -9.68
C VAL A 290 -11.40 9.71 -9.90
N ALA A 291 -11.98 10.33 -8.86
CA ALA A 291 -13.21 11.09 -9.00
C ALA A 291 -12.98 12.40 -9.73
N ALA A 292 -11.85 13.07 -9.49
CA ALA A 292 -11.55 14.27 -10.26
C ALA A 292 -11.05 13.97 -11.67
N TRP A 293 -10.85 12.69 -12.01
CA TRP A 293 -10.73 12.30 -13.40
C TRP A 293 -12.08 11.82 -13.95
N LEU A 294 -12.88 11.14 -13.13
CA LEU A 294 -14.32 11.04 -13.35
C LEU A 294 -14.93 12.41 -13.61
N GLU A 295 -14.28 13.48 -13.15
CA GLU A 295 -14.90 14.80 -12.98
C GLU A 295 -15.36 15.42 -14.30
N LYS A 296 -14.50 15.39 -15.34
CA LYS A 296 -14.83 16.03 -16.61
C LYS A 296 -15.29 15.06 -17.68
N LEU A 297 -14.82 13.81 -17.64
CA LEU A 297 -15.48 12.72 -18.35
C LEU A 297 -16.95 12.61 -17.94
N SER A 298 -17.28 13.02 -16.73
CA SER A 298 -18.66 13.29 -16.37
C SER A 298 -19.33 14.33 -17.27
N ALA A 299 -18.83 15.57 -17.26
CA ALA A 299 -19.55 16.63 -17.96
C ALA A 299 -19.48 16.47 -19.48
N SER A 300 -18.28 16.55 -20.05
CA SER A 300 -18.11 16.55 -21.51
C SER A 300 -18.14 15.13 -22.07
N ALA A 301 -18.83 14.97 -23.20
CA ALA A 301 -18.82 13.69 -23.90
C ALA A 301 -17.60 13.53 -24.81
N GLU A 302 -16.82 14.59 -25.01
CA GLU A 302 -15.62 14.49 -25.85
C GLU A 302 -14.56 13.61 -25.20
N LEU A 303 -14.49 13.63 -23.86
CA LEU A 303 -13.42 12.92 -23.16
C LEU A 303 -13.48 11.42 -23.40
N ARG A 304 -14.60 10.79 -23.02
CA ARG A 304 -14.71 9.35 -23.16
C ARG A 304 -15.55 8.91 -24.35
N GLN A 305 -15.82 9.81 -25.29
CA GLN A 305 -16.02 9.36 -26.67
C GLN A 305 -14.72 8.81 -27.23
N GLN A 306 -13.58 9.22 -26.67
CA GLN A 306 -12.27 8.74 -27.09
C GLN A 306 -11.48 8.06 -25.98
N SER A 307 -11.86 8.18 -24.71
CA SER A 307 -11.17 7.41 -23.68
C SER A 307 -11.35 5.91 -23.91
N PHE A 308 -12.58 5.49 -24.18
CA PHE A 308 -12.88 4.09 -24.42
C PHE A 308 -12.31 3.63 -25.76
N ALA A 309 -11.57 4.52 -26.43
CA ALA A 309 -10.97 4.21 -27.72
C ALA A 309 -9.93 3.11 -27.59
N VAL A 310 -8.83 3.41 -26.91
CA VAL A 310 -7.76 2.45 -26.71
C VAL A 310 -7.73 1.96 -25.27
N ALA A 311 -8.77 2.31 -24.51
CA ALA A 311 -8.88 1.90 -23.11
C ALA A 311 -9.79 0.70 -22.96
N ALA A 312 -10.00 -0.03 -24.05
CA ALA A 312 -10.85 -1.21 -24.04
C ALA A 312 -10.37 -2.24 -25.05
N ASP A 313 -9.49 -1.82 -25.94
CA ASP A 313 -8.94 -2.70 -26.98
C ASP A 313 -7.51 -3.10 -26.65
N ALA A 314 -7.12 -2.91 -25.39
CA ALA A 314 -5.78 -3.25 -24.95
C ALA A 314 -5.75 -4.62 -24.28
N THR A 315 -6.85 -5.35 -24.40
CA THR A 315 -6.94 -6.68 -23.80
C THR A 315 -6.08 -7.69 -24.54
N ARG A 321 -1.37 -5.25 -19.13
CA ARG A 321 -0.75 -4.19 -18.36
C ARG A 321 -1.65 -2.97 -18.26
N VAL A 322 -1.93 -2.52 -17.03
CA VAL A 322 -2.91 -1.48 -16.78
C VAL A 322 -2.27 -0.16 -16.35
N ALA A 323 -0.95 -0.11 -16.21
CA ALA A 323 -0.27 1.15 -15.98
C ALA A 323 0.05 1.88 -17.28
N LEU A 324 0.38 1.13 -18.34
CA LEU A 324 0.51 1.74 -19.66
C LEU A 324 -0.82 2.29 -20.15
N THR A 325 -1.93 1.66 -19.76
CA THR A 325 -3.24 2.21 -20.08
C THR A 325 -3.55 3.41 -19.19
N TRP A 326 -3.37 3.27 -17.88
CA TRP A 326 -3.60 4.39 -16.97
C TRP A 326 -2.84 5.62 -17.40
N ASN A 327 -1.63 5.44 -17.94
CA ASN A 327 -0.91 6.57 -18.52
C ASN A 327 -1.56 7.05 -19.81
N ASN A 328 -2.14 6.12 -20.59
CA ASN A 328 -2.78 6.52 -21.84
C ASN A 328 -3.98 7.42 -21.58
N LEU A 329 -4.88 7.01 -20.70
CA LEU A 329 -6.03 7.86 -20.40
C LEU A 329 -5.65 9.14 -19.69
N ARG A 330 -4.49 9.17 -19.02
CA ARG A 330 -3.90 10.45 -18.68
C ARG A 330 -3.62 11.25 -19.93
N LYS A 331 -2.99 10.62 -20.94
CA LYS A 331 -2.70 11.31 -22.18
C LYS A 331 -3.98 11.72 -22.90
N THR A 332 -4.94 10.79 -23.05
CA THR A 332 -6.20 11.12 -23.71
C THR A 332 -6.91 12.25 -22.98
N LEU A 333 -6.81 12.27 -21.66
CA LEU A 333 -7.24 13.44 -20.91
C LEU A 333 -6.49 14.69 -21.36
N LEU A 334 -5.16 14.60 -21.39
CA LEU A 334 -4.34 15.79 -21.62
C LEU A 334 -4.36 16.27 -23.08
N VAL A 335 -4.77 15.43 -24.04
CA VAL A 335 -4.87 15.91 -25.41
C VAL A 335 -6.12 16.78 -25.60
N HIS A 336 -7.21 16.45 -24.88
CA HIS A 336 -8.45 17.23 -25.05
C HIS A 336 -8.37 18.59 -24.38
N GLN A 337 -7.55 18.70 -23.33
CA GLN A 337 -7.24 20.03 -22.80
C GLN A 337 -6.40 20.82 -23.79
N ALA A 338 -5.27 20.26 -24.19
CA ALA A 338 -4.50 20.85 -25.27
C ALA A 338 -5.35 21.06 -26.51
N SER A 339 -6.41 20.29 -26.70
CA SER A 339 -7.34 20.60 -27.79
C SER A 339 -7.98 21.96 -27.57
N GLU A 340 -8.25 22.31 -26.31
CA GLU A 340 -8.84 23.63 -26.04
C GLU A 340 -7.82 24.74 -26.19
N GLY A 341 -6.61 24.54 -25.66
CA GLY A 341 -5.59 25.56 -25.74
C GLY A 341 -5.08 26.11 -24.42
N LEU A 342 -5.01 25.26 -23.38
CA LEU A 342 -4.44 25.71 -22.12
C LEU A 342 -2.98 26.12 -22.25
N PHE A 343 -2.28 25.61 -23.26
CA PHE A 343 -0.85 25.84 -23.45
C PHE A 343 -0.58 26.64 -24.71
N ASP A 344 -1.40 27.67 -24.97
CA ASP A 344 -1.19 28.51 -26.14
C ASP A 344 0.07 29.34 -25.99
N ASN A 345 0.09 30.23 -24.99
CA ASN A 345 1.29 30.99 -24.65
C ASN A 345 2.09 30.34 -23.53
N ASP A 346 1.53 29.33 -22.87
CA ASP A 346 2.12 28.69 -21.70
C ASP A 346 2.74 27.33 -22.06
N THR A 347 3.41 27.24 -23.22
CA THR A 347 4.09 26.01 -23.57
C THR A 347 5.25 25.71 -22.62
N GLY A 348 5.69 26.70 -21.84
CA GLY A 348 6.71 26.44 -20.83
C GLY A 348 6.25 25.45 -19.78
N ALA A 349 5.00 25.59 -19.32
CA ALA A 349 4.45 24.64 -18.37
C ALA A 349 4.01 23.35 -19.03
N LEU A 350 3.69 23.37 -20.33
CA LEU A 350 3.43 22.13 -21.04
C LEU A 350 4.68 21.29 -21.17
N LEU A 351 5.82 21.95 -21.43
CA LEU A 351 7.07 21.22 -21.61
C LEU A 351 7.52 20.52 -20.33
N SER A 352 7.46 21.22 -19.20
CA SER A 352 7.85 20.62 -17.93
C SER A 352 6.89 19.52 -17.50
N LEU A 353 5.66 19.55 -17.98
CA LEU A 353 4.72 18.46 -17.70
C LEU A 353 5.08 17.22 -18.49
N GLY A 354 5.49 17.40 -19.75
CA GLY A 354 6.00 16.27 -20.52
C GLY A 354 7.24 15.66 -19.93
N ARG A 355 8.05 16.47 -19.25
CA ARG A 355 9.20 15.93 -18.53
C ARG A 355 8.74 14.97 -17.44
N GLU A 356 7.67 15.32 -16.72
CA GLU A 356 7.15 14.44 -15.69
C GLU A 356 6.54 13.18 -16.30
N MET A 357 5.67 13.35 -17.30
CA MET A 357 5.00 12.22 -17.92
C MET A 357 5.96 11.30 -18.67
N PHE A 358 7.11 11.81 -19.10
CA PHE A 358 8.12 10.94 -19.70
C PHE A 358 8.79 10.08 -18.64
N ARG A 359 9.13 10.68 -17.49
CA ARG A 359 9.72 9.91 -16.40
C ARG A 359 8.73 8.89 -15.84
N LEU A 360 7.44 9.17 -15.92
CA LEU A 360 6.44 8.20 -15.48
C LEU A 360 6.43 6.97 -16.37
N GLU A 361 6.50 7.17 -17.70
CA GLU A 361 6.47 6.05 -18.62
C GLU A 361 7.79 5.29 -18.66
N ILE A 362 8.88 5.89 -18.20
CA ILE A 362 10.08 5.12 -17.92
C ILE A 362 9.86 4.27 -16.67
N LEU A 363 9.25 4.87 -15.64
CA LEU A 363 9.00 4.16 -14.38
C LEU A 363 8.12 2.92 -14.61
N GLU A 364 7.17 3.00 -15.55
CA GLU A 364 6.34 1.85 -15.84
C GLU A 364 7.18 0.68 -16.34
N ASP A 365 8.16 0.95 -17.19
CA ASP A 365 9.02 -0.13 -17.68
C ASP A 365 9.88 -0.68 -16.55
N ILE A 366 10.31 0.18 -15.63
CA ILE A 366 10.93 -0.30 -14.39
C ILE A 366 9.99 -1.23 -13.67
N ALA A 367 8.71 -0.85 -13.59
CA ALA A 367 7.73 -1.64 -12.85
C ALA A 367 7.47 -2.98 -13.55
N ARG A 368 7.30 -2.95 -14.87
CA ARG A 368 7.10 -4.20 -15.61
C ARG A 368 8.29 -5.12 -15.46
N ASP A 369 9.50 -4.56 -15.34
CA ASP A 369 10.68 -5.39 -15.16
C ASP A 369 10.70 -6.07 -13.79
N LYS A 370 10.11 -5.45 -12.78
CA LYS A 370 10.19 -5.98 -11.43
C LYS A 370 9.10 -7.00 -11.10
N VAL A 371 7.88 -6.80 -11.63
CA VAL A 371 6.79 -7.72 -11.34
C VAL A 371 7.09 -9.13 -11.84
N ARG A 372 7.99 -9.26 -12.82
CA ARG A 372 8.48 -10.58 -13.20
C ARG A 372 8.95 -11.38 -12.00
N THR A 373 9.62 -10.72 -11.06
CA THR A 373 10.23 -11.38 -9.92
C THR A 373 9.35 -11.36 -8.67
N LEU A 374 8.18 -10.74 -8.72
CA LEU A 374 7.26 -10.70 -7.60
C LEU A 374 6.05 -11.58 -7.89
N HIS A 375 5.54 -12.23 -6.84
CA HIS A 375 4.48 -13.23 -7.00
C HIS A 375 3.09 -12.72 -6.63
N PHE A 376 2.99 -11.81 -5.66
CA PHE A 376 1.70 -11.48 -5.03
C PHE A 376 1.23 -10.07 -5.34
N VAL A 377 1.84 -9.40 -6.32
CA VAL A 377 1.40 -8.09 -6.78
C VAL A 377 1.51 -8.04 -8.30
N ASP A 378 0.72 -7.16 -8.90
CA ASP A 378 0.82 -6.88 -10.33
C ASP A 378 1.33 -5.45 -10.54
N GLU A 379 1.57 -5.12 -11.82
CA GLU A 379 2.38 -3.96 -12.18
C GLU A 379 1.85 -2.67 -11.57
N ILE A 380 0.53 -2.47 -11.60
CA ILE A 380 -0.03 -1.18 -11.19
C ILE A 380 0.36 -0.85 -9.75
N GLU A 381 0.38 -1.86 -8.88
CA GLU A 381 0.77 -1.63 -7.49
C GLU A 381 2.24 -1.26 -7.39
N VAL A 382 3.11 -2.01 -8.08
CA VAL A 382 4.54 -1.69 -8.08
C VAL A 382 4.79 -0.33 -8.71
N TYR A 383 4.07 -0.04 -9.81
CA TYR A 383 4.18 1.27 -10.45
C TYR A 383 3.92 2.40 -9.47
N LEU A 384 2.78 2.33 -8.75
CA LEU A 384 2.45 3.39 -7.80
C LEU A 384 3.44 3.44 -6.64
N ALA A 385 4.01 2.30 -6.26
CA ALA A 385 5.06 2.30 -5.24
C ALA A 385 6.26 3.10 -5.72
N PHE A 386 6.68 2.87 -6.97
CA PHE A 386 7.77 3.66 -7.55
C PHE A 386 7.40 5.14 -7.62
N GLN A 387 6.18 5.42 -8.06
CA GLN A 387 5.77 6.81 -8.30
C GLN A 387 5.83 7.64 -7.02
N THR A 388 5.26 7.12 -5.93
CA THR A 388 5.19 7.91 -4.70
C THR A 388 6.49 7.90 -3.92
N MET A 389 7.23 6.78 -3.93
CA MET A 389 8.52 6.76 -3.25
C MET A 389 9.57 7.59 -3.97
N LEU A 390 9.35 7.92 -5.23
CA LEU A 390 10.27 8.74 -6.01
C LEU A 390 9.70 10.08 -6.42
N ALA A 391 8.45 10.38 -6.03
CA ALA A 391 7.85 11.66 -6.39
C ALA A 391 8.67 12.84 -5.87
N GLU A 392 9.31 12.68 -4.73
CA GLU A 392 10.17 13.74 -4.20
C GLU A 392 11.43 13.90 -5.05
N LYS A 393 12.15 12.79 -5.26
CA LYS A 393 13.47 12.87 -5.89
C LYS A 393 13.37 13.28 -7.35
N LEU A 394 12.31 12.89 -8.06
CA LEU A 394 12.18 13.21 -9.47
C LEU A 394 11.06 14.22 -9.75
N GLN A 395 10.57 14.89 -8.72
CA GLN A 395 9.65 16.03 -8.84
C GLN A 395 8.45 15.68 -9.72
N LEU A 396 7.74 14.63 -9.33
CA LEU A 396 6.55 14.19 -10.06
C LEU A 396 5.29 14.73 -9.38
N SER A 397 5.05 16.02 -9.63
CA SER A 397 3.94 16.75 -9.03
C SER A 397 2.62 15.99 -9.14
N THR A 398 2.36 15.37 -10.29
CA THR A 398 1.13 14.62 -10.52
C THR A 398 1.23 13.23 -9.89
N ALA A 399 1.37 13.21 -8.57
CA ALA A 399 1.48 11.97 -7.82
C ALA A 399 0.98 12.18 -6.40
N VAL A 400 0.34 11.14 -5.85
CA VAL A 400 -0.17 11.21 -4.48
C VAL A 400 0.99 11.05 -3.51
N LYS A 401 0.90 11.75 -2.38
CA LYS A 401 2.00 11.85 -1.43
C LYS A 401 1.97 10.76 -0.35
N GLU A 402 1.30 9.64 -0.63
CA GLU A 402 1.32 8.53 0.33
C GLU A 402 2.72 7.94 0.40
N SER A 409 6.09 -1.77 -1.51
CA SER A 409 5.61 -3.15 -1.37
C SER A 409 6.79 -4.11 -1.28
N GLY A 410 7.23 -4.62 -2.44
CA GLY A 410 8.47 -5.34 -2.56
C GLY A 410 9.60 -4.50 -3.11
N VAL A 411 9.40 -3.19 -3.26
CA VAL A 411 10.38 -2.30 -3.85
C VAL A 411 11.46 -2.01 -2.82
N THR A 412 12.70 -2.40 -3.12
CA THR A 412 13.81 -2.25 -2.19
C THR A 412 14.33 -0.81 -2.23
N ALA A 413 15.47 -0.57 -1.59
CA ALA A 413 16.12 0.72 -1.67
C ALA A 413 17.07 0.82 -2.85
N ASN A 414 17.59 -0.31 -3.33
CA ASN A 414 18.47 -0.30 -4.50
C ASN A 414 17.69 -0.02 -5.78
N ASP A 415 16.54 -0.69 -5.95
CA ASP A 415 15.75 -0.43 -7.16
C ASP A 415 15.08 0.93 -7.14
N LEU A 416 15.17 1.67 -6.04
CA LEU A 416 14.87 3.09 -6.08
C LEU A 416 16.05 3.88 -6.62
N ARG A 417 17.26 3.54 -6.17
CA ARG A 417 18.45 4.22 -6.64
C ARG A 417 18.68 3.98 -8.13
N THR A 418 18.59 2.72 -8.55
CA THR A 418 18.74 2.43 -9.98
C THR A 418 17.60 3.04 -10.78
N ALA A 419 16.37 3.03 -10.24
CA ALA A 419 15.26 3.64 -10.97
C ALA A 419 15.53 5.09 -11.29
N GLU A 420 16.08 5.84 -10.33
CA GLU A 420 16.42 7.23 -10.59
C GLU A 420 17.57 7.34 -11.57
N ALA A 421 18.58 6.48 -11.45
CA ALA A 421 19.73 6.55 -12.34
C ALA A 421 19.33 6.23 -13.78
N MET A 422 18.37 5.32 -13.97
CA MET A 422 17.97 4.94 -15.32
C MET A 422 17.03 5.98 -15.95
N VAL A 423 16.12 6.55 -15.17
CA VAL A 423 15.25 7.58 -15.74
C VAL A 423 16.06 8.81 -16.10
N ARG A 424 17.05 9.16 -15.28
CA ARG A 424 17.84 10.37 -15.54
C ARG A 424 18.68 10.22 -16.79
N SER A 425 19.20 9.02 -17.05
CA SER A 425 20.04 8.82 -18.23
C SER A 425 19.20 8.70 -19.50
N ARG A 426 18.07 7.99 -19.45
CA ARG A 426 17.19 7.92 -20.60
C ARG A 426 16.54 9.26 -20.90
N GLU A 427 16.23 10.03 -19.85
CA GLU A 427 15.81 11.42 -20.04
C GLU A 427 16.82 12.19 -20.88
N GLU A 428 18.11 12.05 -20.54
CA GLU A 428 19.15 12.78 -21.24
C GLU A 428 19.28 12.35 -22.70
N ASN A 429 18.89 11.12 -23.02
CA ASN A 429 19.07 10.58 -24.35
C ASN A 429 17.82 10.59 -25.21
N GLU A 430 16.62 10.66 -24.61
CA GLU A 430 15.40 10.39 -25.34
C GLU A 430 14.30 11.43 -25.18
N PHE A 431 14.44 12.44 -24.31
CA PHE A 431 13.31 13.30 -24.00
C PHE A 431 12.88 14.13 -25.20
N THR A 432 13.83 14.76 -25.89
CA THR A 432 13.45 15.67 -26.98
C THR A 432 12.82 14.90 -28.14
N ASP A 433 13.39 13.75 -28.50
CA ASP A 433 12.74 12.90 -29.50
C ASP A 433 11.35 12.50 -29.04
N TRP A 434 11.20 12.22 -27.74
CA TRP A 434 9.91 11.80 -27.22
C TRP A 434 8.91 12.96 -27.20
N PHE A 435 9.35 14.15 -26.76
CA PHE A 435 8.44 15.28 -26.66
C PHE A 435 7.98 15.77 -28.02
N SER A 436 8.81 15.59 -29.06
CA SER A 436 8.41 16.01 -30.39
C SER A 436 7.25 15.17 -30.93
N LEU A 437 7.15 13.91 -30.50
CA LEU A 437 6.09 13.01 -30.92
C LEU A 437 4.90 13.03 -29.96
N TRP A 438 5.01 13.74 -28.85
CA TRP A 438 4.00 13.70 -27.80
C TRP A 438 2.66 14.21 -28.30
N GLY A 439 1.59 13.62 -27.78
CA GLY A 439 0.24 13.93 -28.19
C GLY A 439 -0.20 15.33 -27.81
N PRO A 440 -0.23 15.63 -26.50
CA PRO A 440 -0.64 16.98 -26.07
C PRO A 440 0.03 18.12 -26.82
N TRP A 441 1.32 17.97 -27.15
CA TRP A 441 2.01 19.05 -27.86
C TRP A 441 1.61 19.11 -29.32
N HIS A 442 1.41 17.95 -29.96
CA HIS A 442 0.86 17.95 -31.31
C HIS A 442 -0.48 18.65 -31.37
N ALA A 443 -1.23 18.63 -30.25
CA ALA A 443 -2.54 19.28 -30.22
C ALA A 443 -2.40 20.80 -30.19
N VAL A 444 -1.50 21.32 -29.35
CA VAL A 444 -1.35 22.78 -29.27
C VAL A 444 -0.82 23.33 -30.59
N LEU A 445 -0.02 22.56 -31.32
CA LEU A 445 0.35 22.98 -32.67
C LEU A 445 -0.83 22.87 -33.62
N LYS A 446 -1.62 21.80 -33.49
CA LYS A 446 -2.86 21.69 -34.26
C LYS A 446 -3.78 22.88 -34.02
N ARG A 447 -3.75 23.45 -32.82
CA ARG A 447 -4.55 24.65 -32.52
C ARG A 447 -3.72 25.92 -32.69
N THR A 448 -2.65 26.06 -31.91
CA THR A 448 -1.92 27.32 -31.82
C THR A 448 -0.70 27.29 -32.73
N GLU A 449 -0.64 28.25 -33.65
CA GLU A 449 0.47 28.36 -34.59
C GLU A 449 0.44 27.26 -35.64
N ALA A 450 0.03 27.62 -36.85
CA ALA A 450 -0.04 26.67 -37.95
C ALA A 450 1.29 26.64 -38.69
N ASP A 451 1.27 26.98 -39.97
CA ASP A 451 2.47 27.00 -40.81
C ASP A 451 3.29 25.71 -40.71
N ARG A 452 4.21 25.68 -39.75
CA ARG A 452 5.08 24.52 -39.53
C ARG A 452 4.27 23.22 -39.43
N TRP A 453 3.22 23.24 -38.61
CA TRP A 453 2.38 22.06 -38.44
C TRP A 453 1.86 21.59 -39.79
N ALA A 454 1.29 22.52 -40.55
CA ALA A 454 0.76 22.21 -41.86
C ALA A 454 1.87 21.80 -42.81
N GLN A 455 3.01 22.49 -42.71
CA GLN A 455 4.16 22.19 -43.55
C GLN A 455 4.68 20.79 -43.25
N ALA A 456 4.74 20.45 -41.95
CA ALA A 456 5.22 19.14 -41.53
C ALA A 456 4.38 18.04 -42.19
N GLU A 457 3.06 18.19 -42.12
CA GLU A 457 2.15 17.23 -42.71
C GLU A 457 2.31 17.22 -44.23
N GLU A 458 2.68 18.38 -44.78
CA GLU A 458 2.87 18.53 -46.21
C GLU A 458 4.17 17.89 -46.68
N GLN A 459 5.13 17.70 -45.78
CA GLN A 459 6.33 16.93 -46.08
C GLN A 459 6.08 15.44 -45.91
N LYS A 460 4.98 14.96 -46.50
CA LYS A 460 4.69 13.54 -46.59
C LYS A 460 5.37 12.90 -47.79
N TYR A 461 6.21 13.66 -48.50
CA TYR A 461 6.97 13.10 -49.61
C TYR A 461 7.83 11.93 -49.16
N GLU A 462 8.45 12.06 -47.98
CA GLU A 462 9.30 10.99 -47.47
C GLU A 462 8.51 9.71 -47.21
N MET A 463 7.22 9.84 -46.90
CA MET A 463 6.39 8.66 -46.66
C MET A 463 6.04 7.90 -47.93
N LEU A 464 6.44 8.41 -49.10
CA LEU A 464 6.34 7.64 -50.35
C LEU A 464 7.60 7.67 -51.20
N GLU A 465 8.46 8.68 -51.07
CA GLU A 465 9.68 8.73 -51.86
C GLU A 465 10.79 7.87 -51.26
N ASN A 466 10.69 7.54 -49.97
CA ASN A 466 11.71 6.74 -49.30
C ASN A 466 11.12 5.65 -48.41
N GLU A 467 9.80 5.47 -48.40
CA GLU A 467 9.17 4.57 -47.44
C GLU A 467 9.00 3.16 -47.97
N TYR A 468 8.98 2.96 -49.28
CA TYR A 468 8.93 1.62 -49.86
C TYR A 468 10.30 0.94 -49.86
N PRO A 469 11.39 1.65 -50.23
CA PRO A 469 12.70 0.99 -50.17
C PRO A 469 13.13 0.58 -48.76
N GLN A 470 13.08 1.51 -47.82
CA GLN A 470 13.45 1.20 -46.43
C GLN A 470 12.38 0.43 -45.69
N ARG A 471 11.36 -0.07 -46.39
CA ARG A 471 10.26 -0.75 -45.72
C ARG A 471 10.72 -2.06 -45.12
N VAL A 472 11.37 -2.91 -45.93
CA VAL A 472 11.97 -4.15 -45.49
C VAL A 472 13.42 -4.20 -45.94
N ALA A 473 14.05 -3.03 -46.09
CA ALA A 473 15.43 -2.98 -46.54
C ALA A 473 16.37 -3.72 -45.61
N ASP A 474 15.98 -3.88 -44.34
CA ASP A 474 16.67 -4.72 -43.36
C ASP A 474 15.77 -5.71 -42.65
N ARG A 475 14.48 -5.79 -42.96
CA ARG A 475 13.65 -6.87 -42.43
C ARG A 475 13.96 -8.19 -43.10
N LEU A 476 14.38 -8.13 -44.38
CA LEU A 476 14.94 -9.29 -45.08
C LEU A 476 16.47 -9.37 -44.97
N LYS A 477 17.14 -8.25 -44.68
CA LYS A 477 18.55 -8.31 -44.29
C LYS A 477 18.71 -8.77 -42.84
N ALA A 478 17.64 -8.79 -42.07
CA ALA A 478 17.63 -9.45 -40.77
C ALA A 478 17.06 -10.86 -40.91
N ALA A 493 6.54 -1.08 -40.81
CA ALA A 493 5.94 0.04 -40.09
C ALA A 493 6.90 0.58 -39.04
N GLN A 494 8.02 -0.12 -38.84
CA GLN A 494 9.02 0.34 -37.88
C GLN A 494 9.68 1.63 -38.34
N VAL A 495 9.71 1.87 -39.65
CA VAL A 495 10.31 3.09 -40.19
C VAL A 495 9.27 4.17 -40.46
N MET A 496 7.98 3.82 -40.46
CA MET A 496 6.95 4.86 -40.43
C MET A 496 6.97 5.61 -39.11
N ARG A 497 7.37 4.94 -38.03
CA ARG A 497 7.60 5.62 -36.77
C ARG A 497 8.97 6.29 -36.73
N GLU A 498 9.93 5.76 -37.50
CA GLU A 498 11.25 6.37 -37.55
C GLU A 498 11.28 7.59 -38.47
N THR A 499 10.42 7.65 -39.48
CA THR A 499 10.44 8.82 -40.36
C THR A 499 9.75 10.01 -39.70
N GLU A 500 8.53 9.82 -39.17
CA GLU A 500 7.81 10.94 -38.56
C GLU A 500 8.54 11.47 -37.33
N GLN A 501 9.30 10.60 -36.66
CA GLN A 501 10.25 11.08 -35.66
C GLN A 501 11.16 12.15 -36.24
N GLN A 502 11.70 11.89 -37.43
CA GLN A 502 12.65 12.83 -38.04
C GLN A 502 12.01 14.18 -38.29
N ILE A 503 10.85 14.21 -38.94
CA ILE A 503 10.22 15.47 -39.36
C ILE A 503 9.66 16.22 -38.17
N TYR A 504 9.00 15.52 -37.25
CA TYR A 504 8.44 16.19 -36.08
C TYR A 504 9.54 16.68 -35.15
N ARG A 505 10.63 15.94 -35.04
CA ARG A 505 11.82 16.49 -34.40
C ARG A 505 12.37 17.66 -35.21
N GLN A 506 12.32 17.57 -36.54
CA GLN A 506 12.75 18.70 -37.38
C GLN A 506 11.84 19.89 -37.17
N LEU A 507 10.53 19.69 -37.19
CA LEU A 507 9.61 20.75 -36.79
C LEU A 507 10.03 21.30 -35.43
N THR A 508 10.24 20.43 -34.47
CA THR A 508 10.76 20.72 -33.15
C THR A 508 12.27 21.07 -33.16
N ASP A 509 12.86 21.34 -34.33
CA ASP A 509 14.12 22.07 -34.33
C ASP A 509 13.87 23.58 -34.26
N GLU A 510 13.04 24.09 -35.18
CA GLU A 510 12.68 25.52 -35.21
C GLU A 510 11.30 25.69 -34.58
N VAL A 511 11.29 25.55 -33.26
CA VAL A 511 10.08 25.23 -32.52
C VAL A 511 9.19 26.46 -32.33
N LEU A 512 7.91 26.20 -32.06
CA LEU A 512 6.95 27.19 -31.57
C LEU A 512 7.16 27.55 -30.11
N ALA A 513 8.09 26.89 -29.41
CA ALA A 513 8.40 27.26 -28.04
C ALA A 513 9.32 28.47 -27.94
N LEU A 514 9.98 28.86 -29.02
CA LEU A 514 10.76 30.11 -29.03
C LEU A 514 9.92 31.29 -29.51
N ARG A 515 8.75 31.45 -28.88
CA ARG A 515 7.93 32.64 -29.03
C ARG A 515 7.42 33.18 -27.71
N LEU A 516 7.34 32.34 -26.66
CA LEU A 516 7.14 32.85 -25.31
C LEU A 516 8.48 33.22 -24.68
N SER A 517 9.46 32.32 -24.77
CA SER A 517 10.78 32.56 -24.22
C SER A 517 11.57 33.52 -25.10
#